data_5PA3
#
_entry.id   5PA3
#
_cell.length_a   49.577
_cell.length_b   53.503
_cell.length_c   80.997
_cell.angle_alpha   90.000
_cell.angle_beta   90.000
_cell.angle_gamma   90.000
#
_symmetry.space_group_name_H-M   'P 21 21 21'
#
loop_
_entity.id
_entity.type
_entity.pdbx_description
1 polymer 'Catechol O-methyltransferase'
2 non-polymer S-ADENOSYL-L-HOMOCYSTEINE
3 non-polymer 6-[2-(methoxymethyl)phenyl]-8-oxidanyl-1~{H}-quinazolin-4-one
4 non-polymer 'CHLORIDE ION'
5 non-polymer (4S,5S)-1,2-DITHIANE-4,5-DIOL
6 non-polymer 'POTASSIUM ION'
7 non-polymer 'MAGNESIUM ION'
8 water water
#
_entity_poly.entity_id   1
_entity_poly.type   'polypeptide(L)'
_entity_poly.pdbx_seq_one_letter_code
;MGDTKEQRILRYVQQNAKPGDPQSVLEAIDTYCTQKEWAMNVGDAKGQIMDAVIREYSPSLVLELGAYCGYSAVRMARLL
QPGARLLTMEINPDCAAITQQMLNFAGLQDKVTILNGASQDLIPQLKKKYDVDTLDMVFLDHWKDRYLPDTLLLEKCGLL
RKGTVLLADNVIVPGTPDFLAYVRGSSSFECTHYSSYLEYMKVVDGLEKAIYQGPSSPDKS
;
_entity_poly.pdbx_strand_id   A
#
loop_
_chem_comp.id
_chem_comp.type
_chem_comp.name
_chem_comp.formula
7JV non-polymer 6-[2-(methoxymethyl)phenyl]-8-oxidanyl-1~{H}-quinazolin-4-one 'C16 H14 N2 O3'
CL non-polymer 'CHLORIDE ION' 'Cl -1'
D1D non-polymer (4S,5S)-1,2-DITHIANE-4,5-DIOL 'C4 H8 O2 S2'
K non-polymer 'POTASSIUM ION' 'K 1'
MG non-polymer 'MAGNESIUM ION' 'Mg 2'
#
# COMPACT_ATOMS: atom_id res chain seq x y z
N ASP A 3 -11.39 22.28 8.55
CA ASP A 3 -11.06 21.11 7.72
C ASP A 3 -9.90 20.32 8.33
N THR A 4 -9.63 19.15 7.74
CA THR A 4 -8.61 18.23 8.27
C THR A 4 -7.37 18.34 7.39
N LYS A 5 -6.26 17.81 7.88
CA LYS A 5 -5.06 17.68 7.11
C LYS A 5 -5.29 16.92 5.80
N GLU A 6 -6.04 15.85 5.89
CA GLU A 6 -6.31 15.02 4.71
C GLU A 6 -7.10 15.78 3.65
N GLN A 7 -8.08 16.58 4.07
CA GLN A 7 -8.82 17.44 3.13
C GLN A 7 -7.90 18.47 2.55
N ARG A 8 -7.02 19.01 3.37
CA ARG A 8 -6.05 19.99 2.87
C ARG A 8 -5.14 19.39 1.82
N ILE A 9 -4.69 18.15 2.04
CA ILE A 9 -3.83 17.45 1.04
C ILE A 9 -4.59 17.28 -0.29
N LEU A 10 -5.84 16.85 -0.22
CA LEU A 10 -6.61 16.60 -1.41
C LEU A 10 -6.85 17.92 -2.14
N ARG A 11 -7.25 18.98 -1.43
CA ARG A 11 -7.42 20.26 -2.08
CA ARG A 11 -7.40 20.30 -2.04
C ARG A 11 -6.12 20.76 -2.75
N TYR A 12 -4.99 20.55 -2.10
CA TYR A 12 -3.72 20.94 -2.67
C TYR A 12 -3.46 20.22 -3.98
N VAL A 13 -3.75 18.92 -4.04
CA VAL A 13 -3.52 18.19 -5.26
C VAL A 13 -4.43 18.72 -6.36
N GLN A 14 -5.69 18.93 -6.01
CA GLN A 14 -6.69 19.42 -7.00
C GLN A 14 -6.27 20.76 -7.58
N GLN A 15 -5.52 21.56 -6.81
CA GLN A 15 -5.17 22.92 -7.19
C GLN A 15 -3.73 23.01 -7.74
N ASN A 16 -2.98 21.92 -7.66
CA ASN A 16 -1.55 21.93 -8.00
C ASN A 16 -1.08 20.79 -8.88
N ALA A 17 -2.00 19.98 -9.35
CA ALA A 17 -1.70 18.79 -10.15
C ALA A 17 -2.60 18.82 -11.38
N LYS A 18 -2.28 18.01 -12.37
CA LYS A 18 -3.03 17.89 -13.61
C LYS A 18 -3.93 16.69 -13.53
N PRO A 19 -5.23 16.89 -13.74
CA PRO A 19 -6.14 15.75 -13.70
C PRO A 19 -5.67 14.70 -14.67
N GLY A 20 -5.78 13.46 -14.24
CA GLY A 20 -5.37 12.34 -15.07
C GLY A 20 -3.88 12.09 -15.22
N ASP A 21 -3.03 12.77 -14.43
CA ASP A 21 -1.58 12.67 -14.50
C ASP A 21 -1.11 12.22 -13.13
N PRO A 22 -1.01 10.89 -12.96
CA PRO A 22 -0.60 10.40 -11.64
C PRO A 22 0.72 10.94 -11.10
N GLN A 23 1.71 11.10 -11.95
CA GLN A 23 2.98 11.64 -11.48
C GLN A 23 2.85 13.04 -10.87
N SER A 24 2.03 13.92 -11.47
CA SER A 24 1.83 15.27 -10.91
C SER A 24 1.08 15.19 -9.56
N VAL A 25 0.21 14.20 -9.40
CA VAL A 25 -0.50 14.01 -8.13
C VAL A 25 0.52 13.66 -7.01
N LEU A 26 1.43 12.74 -7.30
CA LEU A 26 2.40 12.27 -6.33
C LEU A 26 3.31 13.46 -5.99
N GLU A 27 3.70 14.22 -7.03
CA GLU A 27 4.62 15.32 -6.79
C GLU A 27 3.95 16.38 -5.91
N ALA A 28 2.66 16.64 -6.16
CA ALA A 28 1.90 17.61 -5.37
C ALA A 28 1.81 17.17 -3.89
N ILE A 29 1.50 15.91 -3.67
CA ILE A 29 1.39 15.37 -2.30
C ILE A 29 2.73 15.51 -1.57
N ASP A 30 3.80 15.09 -2.26
CA ASP A 30 5.13 15.14 -1.67
C ASP A 30 5.57 16.57 -1.38
N THR A 31 5.22 17.50 -2.26
CA THR A 31 5.48 18.90 -1.98
C THR A 31 4.74 19.40 -0.78
N TYR A 32 3.46 19.11 -0.71
CA TYR A 32 2.65 19.59 0.39
C TYR A 32 3.23 19.04 1.68
N CYS A 33 3.55 17.75 1.67
CA CYS A 33 3.99 17.09 2.92
C CYS A 33 5.41 17.41 3.32
N THR A 34 6.21 17.94 2.42
CA THR A 34 7.57 18.43 2.73
C THR A 34 7.55 19.88 3.20
N GLN A 35 6.71 20.70 2.57
CA GLN A 35 6.73 22.13 2.83
C GLN A 35 5.72 22.58 3.91
N LYS A 36 4.63 21.84 4.08
CA LYS A 36 3.51 22.32 4.90
C LYS A 36 3.19 21.47 6.11
N GLU A 37 2.72 20.25 5.87
CA GLU A 37 2.26 19.33 6.92
C GLU A 37 2.67 17.93 6.60
N TRP A 38 3.54 17.36 7.43
CA TRP A 38 3.86 15.94 7.34
C TRP A 38 2.60 15.10 7.32
N ALA A 39 2.63 14.02 6.54
CA ALA A 39 1.61 12.99 6.60
C ALA A 39 2.19 11.62 6.30
N MET A 40 1.52 10.57 6.81
CA MET A 40 2.05 9.21 6.76
C MET A 40 1.86 8.48 5.39
N ASN A 41 2.04 9.19 4.28
CA ASN A 41 2.14 8.55 2.95
C ASN A 41 3.48 7.83 2.90
N VAL A 42 3.60 6.80 2.07
CA VAL A 42 4.85 6.06 1.97
C VAL A 42 6.04 6.96 1.48
N GLY A 43 5.71 8.00 0.72
CA GLY A 43 6.60 9.06 0.30
C GLY A 43 7.46 8.65 -0.87
N ASP A 44 8.32 9.56 -1.29
CA ASP A 44 9.08 9.35 -2.49
C ASP A 44 10.27 8.44 -2.31
N ALA A 45 10.94 8.52 -1.16
CA ALA A 45 12.16 7.69 -0.92
C ALA A 45 11.78 6.18 -0.97
N LYS A 46 10.84 5.81 -0.11
CA LYS A 46 10.34 4.41 -0.07
C LYS A 46 9.51 4.11 -1.30
N GLY A 47 8.88 5.14 -1.86
CA GLY A 47 8.06 4.98 -3.03
C GLY A 47 8.86 4.52 -4.23
N GLN A 48 10.06 5.04 -4.33
CA GLN A 48 10.98 4.59 -5.40
C GLN A 48 11.34 3.14 -5.33
N ILE A 49 11.52 2.63 -4.11
CA ILE A 49 11.71 1.21 -3.90
C ILE A 49 10.45 0.40 -4.27
N MET A 50 9.25 0.83 -3.83
CA MET A 50 8.01 0.20 -4.26
CA MET A 50 7.97 0.28 -4.24
C MET A 50 7.89 0.19 -5.76
N ASP A 51 8.20 1.30 -6.42
CA ASP A 51 8.14 1.35 -7.88
C ASP A 51 8.99 0.21 -8.50
N ALA A 52 10.19 0.05 -7.97
CA ALA A 52 11.16 -0.94 -8.49
C ALA A 52 10.64 -2.35 -8.32
N VAL A 53 10.02 -2.59 -7.14
CA VAL A 53 9.38 -3.88 -6.86
C VAL A 53 8.21 -4.14 -7.79
N ILE A 54 7.28 -3.18 -7.93
CA ILE A 54 6.13 -3.33 -8.80
C ILE A 54 6.57 -3.62 -10.25
N ARG A 55 7.58 -2.90 -10.75
CA ARG A 55 8.05 -3.11 -12.10
C ARG A 55 8.70 -4.49 -12.26
N GLU A 56 9.40 -4.96 -11.24
CA GLU A 56 10.02 -6.29 -11.30
C GLU A 56 8.94 -7.43 -11.42
N TYR A 57 7.90 -7.36 -10.61
CA TYR A 57 6.91 -8.43 -10.53
C TYR A 57 5.67 -8.28 -11.43
N SER A 58 5.44 -7.06 -11.94
CA SER A 58 4.25 -6.78 -12.74
CA SER A 58 4.25 -6.76 -12.73
C SER A 58 2.97 -7.49 -12.28
N PRO A 59 2.54 -7.27 -11.01
CA PRO A 59 1.46 -8.05 -10.42
C PRO A 59 0.14 -7.78 -11.11
N SER A 60 -0.64 -8.83 -11.35
CA SER A 60 -1.99 -8.68 -11.87
C SER A 60 -3.02 -8.29 -10.80
N LEU A 61 -2.80 -8.71 -9.58
CA LEU A 61 -3.73 -8.40 -8.51
C LEU A 61 -2.93 -8.01 -7.23
N VAL A 62 -3.06 -6.76 -6.80
CA VAL A 62 -2.36 -6.27 -5.57
C VAL A 62 -3.45 -5.95 -4.52
N LEU A 63 -3.17 -6.34 -3.30
CA LEU A 63 -3.96 -5.95 -2.14
C LEU A 63 -3.08 -4.97 -1.31
N GLU A 64 -3.65 -3.80 -1.00
CA GLU A 64 -3.05 -2.82 -0.13
C GLU A 64 -3.87 -2.82 1.14
N LEU A 65 -3.16 -2.85 2.25
CA LEU A 65 -3.77 -2.66 3.59
C LEU A 65 -3.38 -1.28 4.11
N GLY A 66 -4.39 -0.41 4.19
CA GLY A 66 -4.22 0.98 4.53
C GLY A 66 -4.12 1.91 3.37
N ALA A 67 -5.21 2.63 3.07
CA ALA A 67 -5.25 3.55 1.90
C ALA A 67 -4.89 4.99 2.24
N TYR A 68 -5.38 5.48 3.40
CA TYR A 68 -5.23 6.86 3.86
C TYR A 68 -5.70 7.92 2.83
N CYS A 69 -4.79 8.63 2.19
CA CYS A 69 -5.21 9.64 1.21
C CYS A 69 -5.09 9.15 -0.21
N GLY A 70 -4.57 7.94 -0.41
CA GLY A 70 -4.45 7.33 -1.75
C GLY A 70 -3.11 7.44 -2.44
N TYR A 71 -2.16 8.00 -1.75
CA TYR A 71 -0.83 8.18 -2.28
C TYR A 71 -0.22 6.87 -2.79
N SER A 72 -0.15 5.87 -1.93
CA SER A 72 0.42 4.57 -2.34
C SER A 72 -0.45 3.88 -3.37
N ALA A 73 -1.76 4.03 -3.27
CA ALA A 73 -2.64 3.47 -4.31
C ALA A 73 -2.32 4.07 -5.68
N VAL A 74 -2.23 5.39 -5.72
CA VAL A 74 -1.85 6.10 -6.96
C VAL A 74 -0.51 5.63 -7.41
N ARG A 75 0.42 5.57 -6.46
CA ARG A 75 1.76 5.17 -6.80
C ARG A 75 1.82 3.79 -7.47
N MET A 76 1.15 2.80 -6.88
CA MET A 76 1.13 1.44 -7.45
C MET A 76 0.27 1.33 -8.70
N ALA A 77 -0.91 1.94 -8.65
CA ALA A 77 -1.89 1.73 -9.74
C ALA A 77 -1.36 2.33 -11.04
N ARG A 78 -0.48 3.35 -10.96
CA ARG A 78 0.00 3.98 -12.20
C ARG A 78 0.97 3.07 -12.95
N LEU A 79 1.51 2.06 -12.25
CA LEU A 79 2.51 1.19 -12.79
C LEU A 79 1.88 -0.16 -13.20
N LEU A 80 0.60 -0.36 -12.89
CA LEU A 80 -0.05 -1.62 -13.23
C LEU A 80 -0.33 -1.72 -14.73
N GLN A 81 -0.22 -2.94 -15.28
CA GLN A 81 -0.63 -3.21 -16.67
C GLN A 81 -2.14 -3.12 -16.89
N PRO A 82 -2.56 -2.85 -18.15
CA PRO A 82 -3.99 -2.82 -18.42
C PRO A 82 -4.61 -4.15 -17.99
N GLY A 83 -5.72 -4.04 -17.25
CA GLY A 83 -6.43 -5.21 -16.77
C GLY A 83 -5.99 -5.68 -15.39
N ALA A 84 -4.82 -5.23 -14.90
CA ALA A 84 -4.40 -5.51 -13.52
C ALA A 84 -5.26 -4.65 -12.59
N ARG A 85 -5.34 -5.05 -11.32
CA ARG A 85 -6.19 -4.43 -10.33
C ARG A 85 -5.52 -4.31 -8.99
N LEU A 86 -5.88 -3.24 -8.31
CA LEU A 86 -5.56 -3.04 -6.93
C LEU A 86 -6.81 -3.00 -6.10
N LEU A 87 -6.81 -3.72 -4.98
CA LEU A 87 -7.83 -3.66 -3.96
C LEU A 87 -7.17 -2.99 -2.74
N THR A 88 -7.80 -1.98 -2.18
CA THR A 88 -7.20 -1.31 -1.01
C THR A 88 -8.24 -1.32 0.14
N MET A 89 -7.81 -1.77 1.30
CA MET A 89 -8.66 -1.84 2.46
C MET A 89 -8.43 -0.67 3.35
N GLU A 90 -9.53 -0.04 3.80
CA GLU A 90 -9.38 1.14 4.60
C GLU A 90 -10.51 1.17 5.66
N ILE A 91 -10.09 1.25 6.93
CA ILE A 91 -11.06 1.20 8.04
C ILE A 91 -11.77 2.55 8.33
N ASN A 92 -11.16 3.65 7.92
CA ASN A 92 -11.65 4.98 8.21
C ASN A 92 -12.39 5.55 7.00
N PRO A 93 -13.72 5.77 7.15
CA PRO A 93 -14.50 6.18 6.02
C PRO A 93 -14.09 7.56 5.49
N ASP A 94 -13.60 8.44 6.37
CA ASP A 94 -13.16 9.75 5.91
C ASP A 94 -11.95 9.60 4.98
N CYS A 95 -11.05 8.70 5.34
CA CYS A 95 -9.92 8.37 4.46
C CYS A 95 -10.35 7.71 3.20
N ALA A 96 -11.32 6.82 3.29
CA ALA A 96 -11.77 6.17 2.10
C ALA A 96 -12.29 7.20 1.08
N ALA A 97 -13.04 8.18 1.56
CA ALA A 97 -13.67 9.18 0.67
C ALA A 97 -12.55 10.06 0.06
N ILE A 98 -11.51 10.38 0.83
CA ILE A 98 -10.39 11.14 0.27
C ILE A 98 -9.68 10.30 -0.78
N THR A 99 -9.43 9.04 -0.47
CA THR A 99 -8.76 8.15 -1.39
C THR A 99 -9.47 8.03 -2.72
N GLN A 100 -10.79 7.89 -2.68
CA GLN A 100 -11.55 7.72 -3.89
C GLN A 100 -11.45 8.98 -4.79
N GLN A 101 -11.45 10.15 -4.14
CA GLN A 101 -11.30 11.43 -4.89
C GLN A 101 -9.92 11.58 -5.47
N MET A 102 -8.92 11.09 -4.74
CA MET A 102 -7.53 11.16 -5.19
C MET A 102 -7.34 10.29 -6.41
N LEU A 103 -7.85 9.07 -6.33
CA LEU A 103 -7.87 8.16 -7.46
C LEU A 103 -8.56 8.69 -8.70
N ASN A 104 -9.75 9.25 -8.48
CA ASN A 104 -10.54 9.83 -9.52
C ASN A 104 -9.79 10.96 -10.18
N PHE A 105 -9.18 11.83 -9.38
CA PHE A 105 -8.42 12.97 -9.89
C PHE A 105 -7.24 12.47 -10.79
N ALA A 106 -6.55 11.43 -10.33
CA ALA A 106 -5.37 10.84 -11.05
C ALA A 106 -5.79 10.04 -12.30
N GLY A 107 -7.07 9.74 -12.43
CA GLY A 107 -7.63 8.90 -13.49
C GLY A 107 -7.40 7.42 -13.42
N LEU A 108 -7.21 6.92 -12.18
CA LEU A 108 -6.90 5.53 -11.93
C LEU A 108 -8.06 4.76 -11.32
N GLN A 109 -9.22 5.39 -11.29
CA GLN A 109 -10.38 4.77 -10.64
C GLN A 109 -10.79 3.42 -11.21
N ASP A 110 -10.48 3.19 -12.48
CA ASP A 110 -10.83 1.91 -13.11
C ASP A 110 -9.96 0.75 -12.65
N LYS A 111 -8.82 1.07 -12.04
CA LYS A 111 -7.87 0.02 -11.67
C LYS A 111 -7.97 -0.32 -10.21
N VAL A 112 -8.67 0.50 -9.45
CA VAL A 112 -8.60 0.39 -7.98
C VAL A 112 -9.96 0.29 -7.36
N THR A 113 -10.14 -0.63 -6.41
CA THR A 113 -11.37 -0.73 -5.62
C THR A 113 -11.07 -0.57 -4.17
N ILE A 114 -11.76 0.36 -3.55
CA ILE A 114 -11.67 0.57 -2.09
C ILE A 114 -12.68 -0.37 -1.41
N LEU A 115 -12.19 -1.10 -0.41
CA LEU A 115 -12.94 -1.99 0.42
C LEU A 115 -12.94 -1.34 1.80
N ASN A 116 -14.16 -1.08 2.28
CA ASN A 116 -14.41 -0.30 3.51
C ASN A 116 -14.59 -1.24 4.68
N GLY A 117 -13.69 -1.12 5.64
CA GLY A 117 -13.73 -1.93 6.86
C GLY A 117 -12.32 -2.25 7.29
N ALA A 118 -12.27 -2.97 8.41
CA ALA A 118 -11.06 -3.51 8.95
C ALA A 118 -10.54 -4.66 8.10
N SER A 119 -9.23 -4.65 7.87
CA SER A 119 -8.58 -5.73 7.14
C SER A 119 -8.91 -7.11 7.71
N GLN A 120 -8.96 -7.22 9.02
CA GLN A 120 -9.22 -8.54 9.67
C GLN A 120 -10.64 -9.03 9.38
N ASP A 121 -11.56 -8.14 9.05
CA ASP A 121 -12.91 -8.51 8.67
C ASP A 121 -13.06 -8.74 7.18
N LEU A 122 -12.32 -7.99 6.38
CA LEU A 122 -12.45 -8.05 4.92
C LEU A 122 -11.64 -9.18 4.30
N ILE A 123 -10.46 -9.48 4.86
CA ILE A 123 -9.61 -10.49 4.28
C ILE A 123 -10.41 -11.82 4.09
N PRO A 124 -11.15 -12.27 5.11
CA PRO A 124 -11.90 -13.52 4.97
C PRO A 124 -13.02 -13.50 3.95
N GLN A 125 -13.40 -12.33 3.45
CA GLN A 125 -14.43 -12.18 2.42
C GLN A 125 -13.90 -12.09 0.99
N LEU A 126 -12.57 -12.00 0.88
CA LEU A 126 -11.96 -11.79 -0.42
C LEU A 126 -12.35 -12.85 -1.46
N LYS A 127 -12.34 -14.10 -1.09
CA LYS A 127 -12.67 -15.15 -2.05
C LYS A 127 -14.13 -15.18 -2.48
N LYS A 128 -15.04 -15.22 -1.53
CA LYS A 128 -16.46 -15.38 -1.85
C LYS A 128 -17.13 -14.08 -2.25
N LYS A 129 -16.87 -13.02 -1.52
CA LYS A 129 -17.48 -11.74 -1.87
C LYS A 129 -16.82 -11.03 -3.04
N TYR A 130 -15.49 -10.97 -3.06
CA TYR A 130 -14.80 -10.15 -4.05
C TYR A 130 -14.17 -10.95 -5.19
N ASP A 131 -14.42 -12.26 -5.22
CA ASP A 131 -13.99 -13.15 -6.34
CA ASP A 131 -14.01 -13.14 -6.33
C ASP A 131 -12.48 -13.25 -6.55
N VAL A 132 -11.72 -13.20 -5.47
CA VAL A 132 -10.29 -13.34 -5.54
C VAL A 132 -9.91 -14.80 -5.46
N ASP A 133 -8.95 -15.22 -6.26
CA ASP A 133 -8.35 -16.54 -6.10
C ASP A 133 -7.10 -16.40 -5.21
N THR A 134 -5.94 -16.05 -5.77
CA THR A 134 -4.82 -15.68 -4.97
C THR A 134 -4.24 -14.33 -5.36
N LEU A 135 -3.48 -13.79 -4.43
CA LEU A 135 -2.96 -12.45 -4.58
C LEU A 135 -1.55 -12.53 -5.14
N ASP A 136 -1.17 -11.54 -5.95
CA ASP A 136 0.18 -11.52 -6.49
C ASP A 136 1.12 -10.75 -5.59
N MET A 137 0.55 -9.74 -4.95
CA MET A 137 1.31 -8.86 -4.12
C MET A 137 0.40 -8.27 -3.08
N VAL A 138 0.98 -8.09 -1.88
CA VAL A 138 0.28 -7.42 -0.79
C VAL A 138 1.19 -6.32 -0.27
N PHE A 139 0.65 -5.11 -0.13
CA PHE A 139 1.35 -3.96 0.51
C PHE A 139 0.77 -3.75 1.87
N LEU A 140 1.57 -3.96 2.91
CA LEU A 140 1.10 -3.85 4.29
C LEU A 140 1.54 -2.48 4.77
N ASP A 141 0.56 -1.63 5.04
CA ASP A 141 0.86 -0.27 5.50
C ASP A 141 -0.26 0.29 6.32
N HIS A 142 -0.80 -0.55 7.23
CA HIS A 142 -1.98 -0.14 7.98
C HIS A 142 -1.69 0.22 9.39
N TRP A 143 -1.71 -0.77 10.25
CA TRP A 143 -1.28 -0.58 11.62
C TRP A 143 -0.28 -1.67 12.01
N LYS A 144 0.82 -1.27 12.61
CA LYS A 144 1.95 -2.17 12.86
C LYS A 144 1.55 -3.48 13.52
N ASP A 145 0.64 -3.40 14.51
CA ASP A 145 0.26 -4.59 15.27
C ASP A 145 -0.62 -5.55 14.46
N ARG A 146 -1.09 -5.12 13.30
CA ARG A 146 -1.83 -6.02 12.41
C ARG A 146 -1.00 -6.78 11.40
N TYR A 147 0.26 -6.39 11.20
CA TYR A 147 1.03 -6.99 10.11
C TYR A 147 1.16 -8.51 10.26
N LEU A 148 1.57 -8.98 11.43
CA LEU A 148 1.65 -10.43 11.63
C LEU A 148 0.32 -11.16 11.64
N PRO A 149 -0.66 -10.68 12.43
CA PRO A 149 -1.93 -11.36 12.34
C PRO A 149 -2.59 -11.38 10.94
N ASP A 150 -2.49 -10.28 10.21
CA ASP A 150 -3.07 -10.29 8.90
C ASP A 150 -2.30 -11.18 7.88
N THR A 151 -0.98 -11.27 8.01
CA THR A 151 -0.21 -12.18 7.19
C THR A 151 -0.69 -13.65 7.46
N LEU A 152 -0.86 -14.02 8.73
CA LEU A 152 -1.29 -15.35 9.11
C LEU A 152 -2.70 -15.62 8.59
N LEU A 153 -3.54 -14.58 8.62
CA LEU A 153 -4.91 -14.68 8.17
C LEU A 153 -4.98 -14.84 6.65
N LEU A 154 -4.14 -14.10 5.92
CA LEU A 154 -4.03 -14.28 4.45
C LEU A 154 -3.66 -15.70 4.10
N GLU A 155 -2.72 -16.24 4.84
CA GLU A 155 -2.33 -17.62 4.62
C GLU A 155 -3.48 -18.60 4.92
N LYS A 156 -4.12 -18.47 6.07
CA LYS A 156 -5.25 -19.32 6.46
C LYS A 156 -6.35 -19.32 5.41
N CYS A 157 -6.62 -18.16 4.83
CA CYS A 157 -7.69 -17.97 3.87
C CYS A 157 -7.32 -18.45 2.48
N GLY A 158 -6.09 -18.95 2.29
CA GLY A 158 -5.67 -19.52 1.00
C GLY A 158 -5.40 -18.45 -0.05
N LEU A 159 -5.03 -17.26 0.40
CA LEU A 159 -4.94 -16.09 -0.51
C LEU A 159 -3.53 -15.90 -1.02
N LEU A 160 -2.55 -16.59 -0.39
CA LEU A 160 -1.13 -16.53 -0.82
C LEU A 160 -0.80 -17.75 -1.66
N ARG A 161 0.05 -17.54 -2.65
CA ARG A 161 0.53 -18.62 -3.48
C ARG A 161 2.06 -18.54 -3.56
N LYS A 162 2.73 -19.60 -4.03
CA LYS A 162 4.20 -19.57 -4.17
C LYS A 162 4.55 -18.36 -5.00
N GLY A 163 5.36 -17.44 -4.47
CA GLY A 163 5.83 -16.27 -5.18
C GLY A 163 5.04 -15.02 -4.82
N THR A 164 3.97 -15.13 -4.01
CA THR A 164 3.23 -13.91 -3.62
C THR A 164 4.21 -13.00 -2.87
N VAL A 165 4.25 -11.73 -3.26
CA VAL A 165 5.20 -10.76 -2.72
C VAL A 165 4.51 -9.96 -1.63
N LEU A 166 5.01 -10.02 -0.39
CA LEU A 166 4.50 -9.15 0.67
C LEU A 166 5.52 -8.04 0.81
N LEU A 167 5.04 -6.80 0.73
CA LEU A 167 5.92 -5.63 0.90
C LEU A 167 5.37 -4.81 2.06
N ALA A 168 6.18 -4.63 3.10
CA ALA A 168 5.70 -4.08 4.34
C ALA A 168 6.43 -2.77 4.55
N ASP A 169 5.65 -1.70 4.75
CA ASP A 169 6.23 -0.42 5.13
C ASP A 169 6.47 -0.33 6.64
N ASN A 170 7.40 0.53 7.03
CA ASN A 170 7.54 0.96 8.39
C ASN A 170 8.01 -0.16 9.31
N VAL A 171 8.83 -1.06 8.78
CA VAL A 171 9.27 -2.18 9.60
C VAL A 171 10.32 -1.71 10.60
N ILE A 172 10.88 -0.52 10.42
CA ILE A 172 11.80 0.08 11.43
C ILE A 172 11.14 1.16 12.28
N VAL A 173 10.42 2.10 11.66
CA VAL A 173 9.63 3.09 12.40
CA VAL A 173 9.65 3.13 12.38
C VAL A 173 8.24 3.25 11.75
N PRO A 174 7.14 3.05 12.49
CA PRO A 174 7.11 2.73 13.92
C PRO A 174 7.75 1.39 14.29
N GLY A 175 7.91 0.48 13.31
CA GLY A 175 8.56 -0.80 13.55
C GLY A 175 7.58 -1.93 13.78
N THR A 176 7.92 -3.10 13.25
CA THR A 176 7.01 -4.25 13.31
C THR A 176 7.84 -5.48 13.74
N PRO A 177 8.38 -5.45 14.97
CA PRO A 177 9.37 -6.48 15.39
C PRO A 177 8.79 -7.91 15.35
N ASP A 178 7.54 -8.12 15.73
CA ASP A 178 6.97 -9.49 15.69
C ASP A 178 6.87 -9.99 14.23
N PHE A 179 6.36 -9.14 13.35
CA PHE A 179 6.24 -9.48 11.91
C PHE A 179 7.62 -9.87 11.36
N LEU A 180 8.64 -9.02 11.59
CA LEU A 180 9.99 -9.25 11.06
C LEU A 180 10.57 -10.53 11.60
N ALA A 181 10.43 -10.76 12.91
CA ALA A 181 11.02 -11.94 13.51
C ALA A 181 10.36 -13.18 12.90
N TYR A 182 9.05 -13.10 12.69
CA TYR A 182 8.30 -14.22 12.16
C TYR A 182 8.67 -14.56 10.69
N VAL A 183 8.60 -13.59 9.77
CA VAL A 183 8.83 -13.90 8.35
C VAL A 183 10.31 -14.25 8.13
N ARG A 184 11.18 -13.58 8.85
CA ARG A 184 12.64 -13.84 8.75
C ARG A 184 13.00 -15.22 9.27
N GLY A 185 12.33 -15.69 10.30
CA GLY A 185 12.57 -16.99 10.87
C GLY A 185 11.82 -18.13 10.18
N SER A 186 10.79 -17.82 9.39
CA SER A 186 9.93 -18.86 8.79
C SER A 186 10.45 -19.35 7.49
N SER A 187 10.42 -20.66 7.25
CA SER A 187 10.87 -21.18 5.96
C SER A 187 9.76 -20.94 4.91
N SER A 188 8.60 -20.42 5.29
CA SER A 188 7.54 -20.08 4.34
C SER A 188 7.74 -18.74 3.67
N PHE A 189 8.77 -18.00 4.06
CA PHE A 189 9.05 -16.68 3.46
C PHE A 189 10.52 -16.47 3.19
N GLU A 190 10.82 -15.91 2.03
CA GLU A 190 12.11 -15.49 1.68
C GLU A 190 12.13 -13.96 1.77
N CYS A 191 12.95 -13.42 2.65
CA CYS A 191 12.95 -12.01 3.05
C CYS A 191 14.17 -11.19 2.63
N THR A 192 13.91 -9.95 2.27
CA THR A 192 14.92 -8.96 1.89
C THR A 192 14.53 -7.65 2.59
N HIS A 193 15.51 -6.98 3.19
CA HIS A 193 15.28 -5.68 3.79
C HIS A 193 15.79 -4.57 2.88
N TYR A 194 14.99 -3.53 2.72
CA TYR A 194 15.32 -2.37 1.86
C TYR A 194 15.38 -1.14 2.76
N SER A 195 16.61 -0.76 3.12
CA SER A 195 16.80 0.39 3.99
C SER A 195 16.50 1.67 3.26
N SER A 196 15.74 2.56 3.91
CA SER A 196 15.42 3.83 3.33
C SER A 196 15.20 4.87 4.43
N TYR A 197 14.24 5.76 4.20
CA TYR A 197 13.92 6.83 5.15
C TYR A 197 12.46 6.97 5.29
N LEU A 198 12.10 7.38 6.50
CA LEU A 198 10.73 7.73 6.80
C LEU A 198 10.31 8.83 5.84
N GLU A 199 9.10 8.71 5.32
CA GLU A 199 8.57 9.72 4.43
C GLU A 199 8.87 11.12 4.95
N TYR A 200 9.45 11.93 4.06
CA TYR A 200 9.57 13.39 4.27
C TYR A 200 10.56 13.78 5.36
N MET A 201 11.30 12.83 5.95
CA MET A 201 12.14 13.11 7.13
C MET A 201 13.47 12.43 7.01
N LYS A 202 14.50 12.99 7.66
CA LYS A 202 15.81 12.32 7.72
C LYS A 202 15.86 11.39 8.93
N VAL A 203 15.10 10.30 8.82
CA VAL A 203 14.89 9.30 9.86
C VAL A 203 14.95 7.96 9.14
N VAL A 204 15.87 7.06 9.55
CA VAL A 204 15.98 5.75 8.91
C VAL A 204 14.66 4.98 9.08
N ASP A 205 14.20 4.42 7.97
CA ASP A 205 13.11 3.46 8.02
C ASP A 205 13.43 2.38 6.99
N GLY A 206 12.50 1.45 6.73
CA GLY A 206 12.78 0.48 5.69
C GLY A 206 11.53 -0.28 5.36
N LEU A 207 11.60 -0.96 4.23
CA LEU A 207 10.59 -1.89 3.80
C LEU A 207 11.12 -3.28 3.93
N GLU A 208 10.25 -4.23 4.24
CA GLU A 208 10.62 -5.64 4.08
C GLU A 208 9.85 -6.26 2.91
N LYS A 209 10.56 -7.00 2.07
CA LYS A 209 9.92 -7.86 1.09
C LYS A 209 9.98 -9.29 1.60
N ALA A 210 8.82 -9.97 1.69
CA ALA A 210 8.76 -11.31 2.12
C ALA A 210 7.96 -12.07 1.05
N ILE A 211 8.65 -12.96 0.35
CA ILE A 211 8.04 -13.73 -0.75
C ILE A 211 7.57 -15.06 -0.21
N TYR A 212 6.29 -15.33 -0.35
CA TYR A 212 5.72 -16.57 0.22
C TYR A 212 6.23 -17.77 -0.56
N GLN A 213 6.66 -18.78 0.17
CA GLN A 213 7.18 -20.02 -0.43
C GLN A 213 6.26 -21.22 -0.29
N GLY A 214 5.03 -21.03 0.13
CA GLY A 214 4.11 -22.18 0.16
C GLY A 214 4.10 -22.63 1.60
N PRO A 215 3.14 -23.49 1.95
CA PRO A 215 2.97 -23.89 3.38
C PRO A 215 4.08 -24.80 3.93
N SAH B . -0.60 3.28 2.32
CA SAH B . -0.92 4.73 2.48
CB SAH B . -0.80 5.22 3.93
CG SAH B . -1.65 4.36 4.90
SD SAH B . -1.66 5.14 6.51
C SAH B . 0.08 5.48 1.65
O SAH B . -0.29 6.42 0.98
OXT SAH B . 1.28 5.15 1.65
C5' SAH B . -2.50 3.83 7.39
C4' SAH B . -3.98 3.66 7.05
O4' SAH B . -4.39 2.40 7.61
C3' SAH B . -4.91 4.68 7.68
O3' SAH B . -5.70 5.40 6.72
C2' SAH B . -5.81 3.89 8.63
O2' SAH B . -7.15 4.36 8.87
C1' SAH B . -5.77 2.54 7.98
N9 SAH B . -5.99 1.38 8.84
C8 SAH B . -5.49 1.18 10.11
N7 SAH B . -5.84 -0.02 10.59
C5 SAH B . -6.51 -0.61 9.62
C6 SAH B . -7.15 -1.92 9.47
N6 SAH B . -7.16 -2.80 10.52
N1 SAH B . -7.82 -2.18 8.31
C2 SAH B . -7.84 -1.28 7.29
N3 SAH B . -7.28 -0.07 7.34
C4 SAH B . -6.63 0.31 8.47
C11 7JV C . 0.98 3.43 8.10
C15 7JV C . 4.62 8.97 13.45
C16 7JV C . 5.95 8.86 13.56
C17 7JV C . 6.62 8.01 12.76
C18 7JV C . 5.93 7.22 11.86
C19 7JV C . 2.38 8.39 12.52
C21 7JV C . 0.27 7.41 13.26
C1 7JV C . 4.55 7.29 11.69
C2 7JV C . 3.91 6.44 10.75
N3 7JV C . 0.39 3.45 9.34
O4 7JV C . 4.33 5.39 7.27
C5 7JV C . 4.43 6.35 9.45
C6 7JV C . 3.84 5.56 8.50
C7 7JV C . 2.72 5.74 11.02
C8 7JV C . 2.11 4.96 10.04
C9 7JV C . 2.66 4.88 8.80
N10 7JV C . 2.11 4.15 7.79
C12 7JV C . 0.94 4.23 10.29
O13 7JV C . 0.31 4.18 11.45
C14 7JV C . 3.86 8.18 12.55
O20 7JV C . 1.70 7.48 13.36
CL CL D . 10.22 11.10 1.09
S1 D1D E . 8.57 12.99 12.51
C1 D1D E . 7.94 14.65 12.06
C2 D1D E . 6.56 14.91 12.71
O2 D1D E . 6.07 16.19 12.44
C3 D1D E . 5.48 13.96 12.16
O3 D1D E . 4.21 14.40 12.66
C4 D1D E . 5.66 12.46 12.42
S4 D1D E . 7.18 11.87 11.59
K K F . 12.65 -16.76 6.24
K K G . 1.11 -10.26 -14.19
MG MG H . 3.59 3.73 6.19
#